data_2BVS
#
_entry.id   2BVS
#
_cell.length_a   71.004
_cell.length_b   71.711
_cell.length_c   72.646
_cell.angle_alpha   90.00
_cell.angle_beta   100.75
_cell.angle_gamma   90.00
#
_symmetry.space_group_name_H-M   'C 1 2 1'
#
loop_
_entity.id
_entity.type
_entity.pdbx_description
1 polymer 'ALPHA THROMBIN'
2 polymer 'HIRUDIN VARIANT-2'
3 polymer 'ALPHA THROMBIN'
4 non-polymer N-[2-(2-CARBAMOYLMETHOXY-ETHOXY)-ETHYL]-2-[2-(4-CHLORO-PHENYLSULFANYL)-ACETYLAMINO]-3-(4-GUANIDINO-PHENYL)-PROPIONAMIDE
5 water water
#
loop_
_entity_poly.entity_id
_entity_poly.type
_entity_poly.pdbx_seq_one_letter_code
_entity_poly.pdbx_strand_id
1 'polypeptide(L)'
;IVEGSDAEIGMSPWQVMLFRKSPQELLCGASLISDRWVLTAAHCLLYPPWDKNFTENDLLVRIGKHSRTRYERNIEKISM
LEKIYIHPRYNWRENLDRDIALMKLKKPVAFSDYIHPVCLPDRETAASLLQAGYKGRVTGWGNLKETWTANVGKGQPSVL
QVVNLPIVERPVCKDSTRIRITDNMFCAGYKPDEGKRGDACEGDSGGPFVMKSPFNNRWYQMGIVSWGEGCDRDGKYGFY
THVFRLKKWIQKVIDQFGE
;
H
2 'polypeptide(L)' GDFEEIPEE(TYS)L I
3 'polypeptide(L)' TFGSGEADCGLRPLFEKKSLEDKTERELLESYIDGR L
#
loop_
_chem_comp.id
_chem_comp.type
_chem_comp.name
_chem_comp.formula
2CE non-polymer N-[2-(2-CARBAMOYLMETHOXY-ETHOXY)-ETHYL]-2-[2-(4-CHLORO-PHENYLSULFANYL)-ACETYLAMINO]-3-(4-GUANIDINO-PHENYL)-PROPIONAMIDE 'C24 H31 Cl N6 O5 S'
#
# COMPACT_ATOMS: atom_id res chain seq x y z
N ILE A 1 7.80 0.26 -8.10
CA ILE A 1 6.74 0.42 -9.13
C ILE A 1 7.36 0.45 -10.53
N VAL A 2 6.85 -0.41 -11.41
CA VAL A 2 7.35 -0.48 -12.79
C VAL A 2 6.39 0.25 -13.72
N GLU A 3 6.95 1.05 -14.62
CA GLU A 3 6.17 1.81 -15.59
C GLU A 3 5.23 2.85 -14.95
N GLY A 4 5.64 3.38 -13.81
CA GLY A 4 4.84 4.39 -13.14
C GLY A 4 5.46 5.76 -13.36
N SER A 5 5.11 6.71 -12.51
CA SER A 5 5.64 8.07 -12.62
C SER A 5 5.83 8.65 -11.22
N ASP A 6 6.56 9.76 -11.15
CA ASP A 6 6.79 10.43 -9.88
C ASP A 6 5.48 10.91 -9.30
N ALA A 7 5.27 10.66 -8.02
CA ALA A 7 4.06 11.12 -7.36
C ALA A 7 4.17 12.62 -7.17
N GLU A 8 3.04 13.31 -7.07
CA GLU A 8 3.04 14.74 -6.82
C GLU A 8 3.16 14.89 -5.30
N ILE A 9 3.58 16.07 -4.86
CA ILE A 9 3.71 16.31 -3.44
C ILE A 9 2.33 16.20 -2.78
N GLY A 10 2.25 15.43 -1.70
CA GLY A 10 1.00 15.26 -0.98
C GLY A 10 -0.05 14.45 -1.71
N MET A 11 0.34 13.74 -2.76
CA MET A 11 -0.60 12.95 -3.56
C MET A 11 -1.11 11.69 -2.84
N SER A 12 -0.29 11.12 -1.97
CA SER A 12 -0.63 9.91 -1.24
C SER A 12 -0.19 10.15 0.21
N PRO A 13 -0.86 11.08 0.92
CA PRO A 13 -0.49 11.40 2.30
C PRO A 13 -0.64 10.30 3.34
N TRP A 14 -1.25 9.19 2.95
CA TRP A 14 -1.41 8.03 3.83
C TRP A 14 -0.30 7.03 3.60
N GLN A 15 0.59 7.30 2.64
CA GLN A 15 1.69 6.39 2.35
C GLN A 15 2.64 6.31 3.53
N VAL A 16 3.02 5.09 3.90
CA VAL A 16 3.94 4.87 5.00
C VAL A 16 5.07 3.99 4.54
N MET A 17 6.27 4.26 5.06
CA MET A 17 7.43 3.46 4.73
C MET A 17 7.80 2.64 5.96
N LEU A 18 7.88 1.32 5.80
CA LEU A 18 8.29 0.44 6.89
C LEU A 18 9.81 0.41 6.75
N PHE A 19 10.49 0.90 7.78
CA PHE A 19 11.94 1.04 7.77
C PHE A 19 12.63 0.14 8.80
N ARG A 20 13.62 -0.62 8.35
CA ARG A 20 14.37 -1.49 9.25
C ARG A 20 15.42 -0.64 9.97
N LYS A 21 15.50 -0.78 11.29
CA LYS A 21 16.45 0.00 12.07
C LYS A 21 17.91 -0.30 11.74
N SER A 22 18.27 -1.57 11.77
CA SER A 22 19.64 -1.98 11.48
C SER A 22 19.72 -3.33 10.79
N PRO A 23 20.23 -3.36 9.56
CA PRO A 23 20.71 -2.17 8.83
C PRO A 23 19.55 -1.31 8.35
N GLN A 24 19.78 -0.01 8.28
CA GLN A 24 18.74 0.92 7.83
C GLN A 24 18.41 0.66 6.36
N GLU A 25 17.21 0.14 6.11
CA GLU A 25 16.79 -0.16 4.75
C GLU A 25 15.27 -0.16 4.61
N LEU A 26 14.81 -0.04 3.37
CA LEU A 26 13.38 -0.05 3.08
C LEU A 26 12.90 -1.49 3.09
N LEU A 27 11.89 -1.77 3.90
CA LEU A 27 11.35 -3.11 3.99
C LEU A 27 10.08 -3.28 3.18
N CYS A 28 9.15 -2.35 3.37
CA CYS A 28 7.86 -2.43 2.69
C CYS A 28 7.13 -1.12 2.75
N GLY A 29 5.98 -1.12 2.09
CA GLY A 29 5.10 0.03 2.12
C GLY A 29 4.06 -0.29 3.19
N ALA A 30 3.21 0.68 3.47
CA ALA A 30 2.15 0.54 4.46
C ALA A 30 1.27 1.76 4.28
N SER A 31 0.20 1.85 5.06
CA SER A 31 -0.71 2.98 4.95
C SER A 31 -1.23 3.44 6.31
N LEU A 32 -1.50 4.73 6.41
CA LEU A 32 -2.00 5.32 7.64
C LEU A 32 -3.52 5.30 7.61
N ILE A 33 -4.14 4.64 8.58
CA ILE A 33 -5.61 4.60 8.61
C ILE A 33 -6.21 5.41 9.77
N SER A 34 -5.36 5.90 10.66
CA SER A 34 -5.78 6.76 11.78
C SER A 34 -4.50 7.34 12.36
N ASP A 35 -4.62 8.20 13.37
CA ASP A 35 -3.44 8.82 13.96
C ASP A 35 -2.53 7.83 14.70
N ARG A 36 -3.00 6.61 14.92
CA ARG A 36 -2.17 5.65 15.64
C ARG A 36 -2.14 4.25 15.04
N TRP A 37 -2.80 4.06 13.91
CA TRP A 37 -2.82 2.74 13.28
C TRP A 37 -2.32 2.75 11.85
N VAL A 38 -1.45 1.79 11.55
CA VAL A 38 -0.86 1.63 10.22
C VAL A 38 -1.18 0.21 9.71
N LEU A 39 -1.60 0.13 8.46
CA LEU A 39 -1.96 -1.13 7.82
C LEU A 39 -0.86 -1.57 6.85
N THR A 40 -0.55 -2.86 6.84
CA THR A 40 0.47 -3.37 5.92
C THR A 40 0.19 -4.85 5.63
N ALA A 41 1.11 -5.51 4.91
CA ALA A 41 0.96 -6.92 4.59
C ALA A 41 1.64 -7.75 5.68
N ALA A 42 1.03 -8.87 6.04
CA ALA A 42 1.60 -9.74 7.05
C ALA A 42 2.98 -10.25 6.66
N HIS A 43 3.17 -10.57 5.38
CA HIS A 43 4.46 -11.09 4.93
C HIS A 43 5.60 -10.11 5.09
N CYS A 44 5.29 -8.84 5.30
CA CYS A 44 6.32 -7.82 5.50
C CYS A 44 6.94 -7.97 6.88
N LEU A 45 6.17 -8.58 7.79
CA LEU A 45 6.60 -8.76 9.17
C LEU A 45 6.89 -10.19 9.55
N LEU A 46 6.18 -11.13 8.92
CA LEU A 46 6.34 -12.53 9.25
C LEU A 46 6.35 -13.46 8.06
N TYR A 47 7.46 -14.17 7.88
CA TYR A 47 7.56 -15.14 6.81
C TYR A 47 8.66 -16.14 7.15
N PRO A 48 8.31 -17.14 7.97
CA PRO A 48 9.20 -18.21 8.43
C PRO A 48 10.10 -18.88 7.39
N PRO A 49 9.60 -19.12 6.17
CA PRO A 49 10.45 -19.78 5.17
C PRO A 49 11.76 -19.03 4.90
N TRP A 50 11.73 -17.70 5.08
CA TRP A 50 12.91 -16.87 4.86
C TRP A 50 13.48 -16.35 6.18
N ASP A 51 13.10 -16.99 7.27
CA ASP A 51 13.57 -16.62 8.60
C ASP A 51 13.23 -15.18 8.94
N LYS A 52 12.04 -14.73 8.51
CA LYS A 52 11.60 -13.38 8.79
C LYS A 52 10.54 -13.37 9.88
N ASN A 53 10.82 -12.67 10.98
CA ASN A 53 9.89 -12.55 12.09
C ASN A 53 10.29 -11.33 12.89
N PHE A 54 9.93 -10.15 12.39
CA PHE A 54 10.28 -8.90 13.05
C PHE A 54 9.48 -8.64 14.32
N THR A 55 10.12 -7.97 15.28
CA THR A 55 9.48 -7.60 16.52
C THR A 55 9.31 -6.09 16.45
N GLU A 56 8.50 -5.53 17.36
CA GLU A 56 8.27 -4.09 17.36
C GLU A 56 9.54 -3.25 17.33
N ASN A 57 10.52 -3.62 18.16
CA ASN A 57 11.77 -2.87 18.25
C ASN A 57 12.72 -2.95 17.05
N ASP A 58 12.45 -3.83 16.09
CA ASP A 58 13.30 -3.94 14.93
C ASP A 58 12.95 -2.93 13.85
N LEU A 59 11.75 -2.36 13.95
CA LEU A 59 11.28 -1.46 12.92
C LEU A 59 10.86 -0.05 13.33
N LEU A 60 10.69 0.79 12.31
CA LEU A 60 10.26 2.17 12.46
C LEU A 60 9.32 2.43 11.29
N VAL A 61 8.43 3.40 11.47
CA VAL A 61 7.49 3.79 10.44
C VAL A 61 7.80 5.24 10.09
N ARG A 62 7.96 5.53 8.80
CA ARG A 62 8.24 6.89 8.35
C ARG A 62 7.04 7.36 7.54
N ILE A 63 6.42 8.43 8.02
CA ILE A 63 5.20 8.97 7.43
C ILE A 63 5.40 10.36 6.83
N GLY A 64 4.68 10.67 5.76
CA GLY A 64 4.78 11.97 5.12
C GLY A 64 5.94 12.11 4.15
N LYS A 65 6.52 11.00 3.74
CA LYS A 65 7.66 11.02 2.84
C LYS A 65 7.36 11.15 1.37
N HIS A 66 8.37 11.61 0.64
CA HIS A 66 8.31 11.75 -0.80
C HIS A 66 9.62 11.13 -1.32
N SER A 67 10.74 11.68 -0.88
CA SER A 67 12.04 11.16 -1.26
C SER A 67 12.22 9.79 -0.62
N ARG A 68 12.81 8.86 -1.37
CA ARG A 68 13.03 7.51 -0.85
C ARG A 68 14.11 7.42 0.21
N THR A 69 15.31 7.90 -0.12
CA THR A 69 16.46 7.80 0.78
C THR A 69 16.80 8.96 1.70
N ARG A 70 16.30 10.15 1.42
CA ARG A 70 16.66 11.29 2.24
C ARG A 70 15.79 11.49 3.48
N TYR A 71 16.38 12.09 4.51
CA TYR A 71 15.64 12.39 5.73
C TYR A 71 14.97 13.72 5.45
N GLU A 72 13.65 13.70 5.30
CA GLU A 72 12.91 14.91 4.97
C GLU A 72 12.55 15.75 6.18
N ARG A 73 13.56 16.48 6.64
CA ARG A 73 13.49 17.37 7.78
C ARG A 73 12.31 18.33 7.72
N ASN A 74 11.58 18.43 8.82
CA ASN A 74 10.42 19.32 8.93
C ASN A 74 9.20 18.85 8.15
N ILE A 75 9.30 17.68 7.52
CA ILE A 75 8.19 17.15 6.72
C ILE A 75 7.75 15.75 7.17
N GLU A 76 8.65 14.78 7.06
CA GLU A 76 8.30 13.42 7.48
C GLU A 76 8.32 13.30 8.99
N LYS A 77 7.59 12.32 9.50
CA LYS A 77 7.53 12.04 10.93
C LYS A 77 7.85 10.57 11.09
N ILE A 78 8.76 10.28 12.02
CA ILE A 78 9.16 8.90 12.28
C ILE A 78 8.53 8.43 13.58
N SER A 79 7.84 7.29 13.50
CA SER A 79 7.14 6.75 14.65
C SER A 79 7.62 5.35 15.06
N MET A 80 7.58 5.09 16.36
CA MET A 80 7.98 3.80 16.89
C MET A 80 6.74 2.93 17.02
N LEU A 81 6.92 1.62 16.98
CA LEU A 81 5.79 0.70 17.08
C LEU A 81 5.54 0.22 18.50
N GLU A 82 4.29 0.25 18.90
CA GLU A 82 3.90 -0.20 20.24
C GLU A 82 3.57 -1.69 20.17
N LYS A 83 2.87 -2.10 19.12
CA LYS A 83 2.50 -3.50 18.98
C LYS A 83 2.12 -3.87 17.54
N ILE A 84 2.49 -5.09 17.16
CA ILE A 84 2.19 -5.64 15.85
C ILE A 84 1.09 -6.68 15.99
N TYR A 85 0.13 -6.64 15.07
CA TYR A 85 -0.98 -7.60 15.07
C TYR A 85 -1.08 -8.24 13.70
N ILE A 86 -0.81 -9.54 13.63
CA ILE A 86 -0.88 -10.26 12.37
C ILE A 86 -2.17 -11.06 12.35
N HIS A 87 -2.81 -11.16 11.19
CA HIS A 87 -4.05 -11.92 11.12
C HIS A 87 -3.74 -13.35 11.61
N PRO A 88 -4.55 -13.86 12.55
CA PRO A 88 -4.33 -15.21 13.08
C PRO A 88 -4.42 -16.34 12.05
N ARG A 89 -5.05 -16.08 10.91
CA ARG A 89 -5.17 -17.10 9.89
C ARG A 89 -4.37 -16.77 8.63
N TYR A 90 -3.37 -15.91 8.78
CA TYR A 90 -2.49 -15.54 7.67
C TYR A 90 -1.78 -16.84 7.27
N ASN A 91 -1.92 -17.21 6.01
CA ASN A 91 -1.34 -18.45 5.50
C ASN A 91 0.04 -18.28 4.86
N TRP A 92 1.08 -18.20 5.69
CA TRP A 92 2.44 -18.06 5.17
C TRP A 92 2.98 -19.40 4.66
N ARG A 93 2.35 -20.48 5.08
CA ARG A 93 2.81 -21.81 4.67
C ARG A 93 2.52 -22.10 3.21
N GLU A 94 1.45 -21.52 2.68
CA GLU A 94 1.09 -21.78 1.30
C GLU A 94 1.04 -20.62 0.32
N ASN A 95 -0.11 -19.95 0.26
CA ASN A 95 -0.34 -18.87 -0.70
C ASN A 95 -0.49 -17.45 -0.19
N LEU A 96 -0.10 -17.19 1.06
CA LEU A 96 -0.21 -15.85 1.64
C LEU A 96 -1.67 -15.39 1.77
N ASP A 97 -2.57 -16.33 1.96
CA ASP A 97 -3.99 -15.98 2.14
C ASP A 97 -4.11 -15.13 3.41
N ARG A 98 -4.96 -14.10 3.36
CA ARG A 98 -5.18 -13.18 4.49
C ARG A 98 -3.87 -12.48 4.85
N ASP A 99 -3.21 -11.91 3.85
CA ASP A 99 -1.93 -11.22 4.01
C ASP A 99 -2.18 -9.81 4.51
N ILE A 100 -2.40 -9.69 5.82
CA ILE A 100 -2.72 -8.41 6.41
C ILE A 100 -2.20 -8.32 7.84
N ALA A 101 -1.78 -7.13 8.23
CA ALA A 101 -1.26 -6.89 9.57
C ALA A 101 -1.49 -5.43 9.94
N LEU A 102 -1.62 -5.18 11.24
CA LEU A 102 -1.83 -3.85 11.77
C LEU A 102 -0.68 -3.52 12.72
N MET A 103 -0.30 -2.25 12.74
CA MET A 103 0.77 -1.81 13.63
C MET A 103 0.25 -0.60 14.39
N LYS A 104 0.29 -0.68 15.72
CA LYS A 104 -0.16 0.42 16.55
C LYS A 104 1.07 1.25 16.91
N LEU A 105 0.99 2.56 16.69
CA LEU A 105 2.09 3.46 16.98
C LEU A 105 2.15 3.77 18.48
N LYS A 106 3.36 4.04 18.98
CA LYS A 106 3.52 4.35 20.39
C LYS A 106 2.83 5.67 20.75
N LYS A 107 2.86 6.62 19.81
CA LYS A 107 2.23 7.92 20.02
C LYS A 107 1.49 8.33 18.75
N PRO A 108 0.42 9.13 18.89
CA PRO A 108 -0.32 9.55 17.71
C PRO A 108 0.52 10.49 16.84
N VAL A 109 0.44 10.31 15.52
CA VAL A 109 1.20 11.17 14.61
C VAL A 109 0.36 12.39 14.27
N ALA A 110 1.01 13.54 14.14
CA ALA A 110 0.28 14.76 13.81
C ALA A 110 0.00 14.84 12.31
N PHE A 111 -1.25 15.12 11.97
CA PHE A 111 -1.62 15.23 10.56
C PHE A 111 -1.09 16.56 10.04
N SER A 112 -0.85 16.62 8.73
CA SER A 112 -0.33 17.82 8.08
C SER A 112 -0.69 17.76 6.60
N ASP A 113 -0.14 18.66 5.80
CA ASP A 113 -0.41 18.65 4.37
C ASP A 113 0.13 17.36 3.75
N TYR A 114 1.11 16.75 4.41
CA TYR A 114 1.77 15.56 3.90
C TYR A 114 1.40 14.26 4.60
N ILE A 115 0.65 14.37 5.69
CA ILE A 115 0.26 13.20 6.49
C ILE A 115 -1.24 13.24 6.75
N HIS A 116 -1.95 12.24 6.23
CA HIS A 116 -3.40 12.19 6.37
C HIS A 116 -3.86 10.76 6.13
N PRO A 117 -4.84 10.28 6.91
CA PRO A 117 -5.32 8.90 6.74
C PRO A 117 -6.24 8.64 5.56
N VAL A 118 -6.20 7.41 5.08
CA VAL A 118 -7.03 6.96 3.96
C VAL A 118 -8.25 6.28 4.59
N CYS A 119 -9.34 6.18 3.84
CA CYS A 119 -10.56 5.53 4.34
C CYS A 119 -10.52 4.04 4.06
N LEU A 120 -11.25 3.29 4.87
CA LEU A 120 -11.38 1.85 4.65
C LEU A 120 -12.79 1.72 4.09
N PRO A 121 -12.96 0.88 3.06
CA PRO A 121 -14.26 0.67 2.42
C PRO A 121 -15.36 0.04 3.25
N ASP A 122 -16.59 0.41 2.91
CA ASP A 122 -17.78 -0.12 3.53
C ASP A 122 -18.25 -1.17 2.51
N ARG A 123 -19.23 -1.99 2.85
CA ARG A 123 -19.70 -3.01 1.93
C ARG A 123 -20.16 -2.46 0.59
N GLU A 124 -20.91 -1.35 0.63
CA GLU A 124 -21.44 -0.75 -0.59
C GLU A 124 -20.36 -0.17 -1.50
N THR A 125 -19.39 0.53 -0.92
CA THR A 125 -18.33 1.11 -1.74
C THR A 125 -17.48 -0.01 -2.34
N ALA A 126 -17.29 -1.08 -1.60
CA ALA A 126 -16.52 -2.22 -2.09
C ALA A 126 -17.24 -2.88 -3.25
N ALA A 127 -18.54 -3.11 -3.07
CA ALA A 127 -19.35 -3.74 -4.10
C ALA A 127 -19.40 -2.91 -5.38
N SER A 128 -19.48 -1.60 -5.22
CA SER A 128 -19.55 -0.71 -6.38
C SER A 128 -18.24 -0.48 -7.12
N LEU A 129 -17.13 -0.43 -6.39
CA LEU A 129 -15.84 -0.17 -7.03
C LEU A 129 -15.00 -1.38 -7.41
N LEU A 130 -15.17 -2.49 -6.71
CA LEU A 130 -14.40 -3.70 -7.00
C LEU A 130 -14.98 -4.46 -8.19
N GLN A 131 -14.77 -3.91 -9.38
CA GLN A 131 -15.27 -4.50 -10.61
C GLN A 131 -14.16 -4.55 -11.66
N ALA A 132 -14.13 -5.61 -12.44
CA ALA A 132 -13.13 -5.75 -13.49
C ALA A 132 -13.17 -4.53 -14.39
N GLY A 133 -12.01 -3.98 -14.73
CA GLY A 133 -11.97 -2.80 -15.57
C GLY A 133 -11.78 -1.52 -14.79
N TYR A 134 -12.36 -1.47 -13.59
CA TYR A 134 -12.23 -0.29 -12.74
C TYR A 134 -10.77 -0.17 -12.28
N LYS A 135 -10.23 1.03 -12.35
CA LYS A 135 -8.84 1.24 -11.97
C LYS A 135 -8.60 1.73 -10.56
N GLY A 136 -7.51 1.23 -9.98
CA GLY A 136 -7.09 1.62 -8.65
C GLY A 136 -5.69 2.19 -8.82
N ARG A 137 -5.12 2.71 -7.74
CA ARG A 137 -3.81 3.31 -7.78
C ARG A 137 -2.87 2.66 -6.76
N VAL A 138 -1.66 2.34 -7.21
CA VAL A 138 -0.66 1.73 -6.35
C VAL A 138 0.53 2.67 -6.25
N THR A 139 1.08 2.80 -5.06
CA THR A 139 2.20 3.70 -4.80
C THR A 139 3.28 3.01 -3.98
N GLY A 140 4.52 3.43 -4.17
CA GLY A 140 5.60 2.83 -3.42
C GLY A 140 6.98 3.28 -3.87
N TRP A 141 7.98 2.88 -3.07
CA TRP A 141 9.37 3.21 -3.33
C TRP A 141 10.12 1.96 -3.79
N GLY A 142 9.37 0.96 -4.24
CA GLY A 142 9.97 -0.28 -4.70
C GLY A 142 10.79 -0.13 -5.97
N ASN A 143 11.43 -1.21 -6.39
CA ASN A 143 12.26 -1.17 -7.59
C ASN A 143 11.48 -0.79 -8.85
N LEU A 144 12.20 -0.18 -9.79
CA LEU A 144 11.62 0.27 -11.05
C LEU A 144 11.53 -0.83 -12.10
N LYS A 145 12.23 -1.95 -11.85
CA LYS A 145 12.21 -3.08 -12.77
C LYS A 145 12.49 -4.37 -12.01
N GLU A 146 12.08 -5.49 -12.59
CA GLU A 146 12.27 -6.80 -11.98
C GLU A 146 13.75 -7.10 -11.77
N THR A 147 14.57 -6.78 -12.76
CA THR A 147 16.01 -7.04 -12.68
C THR A 147 16.75 -5.78 -12.24
N LYS A 154 15.81 2.14 -14.97
CA LYS A 154 16.70 2.34 -13.83
C LYS A 154 16.50 1.26 -12.78
N GLY A 155 17.05 1.49 -11.59
CA GLY A 155 16.91 0.51 -10.52
C GLY A 155 15.95 0.97 -9.43
N GLN A 156 16.41 1.88 -8.59
CA GLN A 156 15.60 2.41 -7.49
C GLN A 156 15.19 3.85 -7.77
N PRO A 157 13.96 4.23 -7.37
CA PRO A 157 13.47 5.59 -7.59
C PRO A 157 13.97 6.62 -6.58
N SER A 158 14.05 7.88 -7.01
CA SER A 158 14.49 8.95 -6.14
C SER A 158 13.32 9.36 -5.24
N VAL A 159 12.11 9.32 -5.80
CA VAL A 159 10.92 9.69 -5.05
C VAL A 159 9.80 8.69 -5.24
N LEU A 160 8.77 8.82 -4.40
CA LEU A 160 7.60 7.94 -4.44
C LEU A 160 7.04 7.81 -5.86
N GLN A 161 6.76 6.57 -6.26
CA GLN A 161 6.20 6.29 -7.59
C GLN A 161 4.72 5.95 -7.50
N VAL A 162 4.02 6.20 -8.60
CA VAL A 162 2.58 5.95 -8.67
C VAL A 162 2.20 5.34 -10.01
N VAL A 163 1.22 4.45 -9.98
CA VAL A 163 0.73 3.83 -11.21
C VAL A 163 -0.73 3.44 -11.02
N ASN A 164 -1.54 3.64 -12.07
CA ASN A 164 -2.94 3.28 -12.02
C ASN A 164 -3.10 1.97 -12.80
N LEU A 165 -3.80 1.01 -12.22
CA LEU A 165 -3.98 -0.30 -12.83
C LEU A 165 -5.42 -0.79 -12.72
N PRO A 166 -5.91 -1.48 -13.76
CA PRO A 166 -7.28 -2.00 -13.74
C PRO A 166 -7.43 -3.33 -13.02
N ILE A 167 -8.55 -3.48 -12.32
CA ILE A 167 -8.85 -4.71 -11.62
C ILE A 167 -9.14 -5.74 -12.72
N VAL A 168 -8.66 -6.97 -12.54
CA VAL A 168 -8.84 -8.02 -13.52
C VAL A 168 -9.87 -9.07 -13.10
N GLU A 169 -10.55 -9.65 -14.09
CA GLU A 169 -11.56 -10.67 -13.84
C GLU A 169 -10.95 -11.84 -13.08
N ARG A 170 -11.68 -12.36 -12.09
CA ARG A 170 -11.16 -13.47 -11.29
C ARG A 170 -10.69 -14.68 -12.10
N PRO A 171 -11.45 -15.08 -13.15
CA PRO A 171 -10.99 -16.23 -13.94
C PRO A 171 -9.64 -15.99 -14.59
N VAL A 172 -9.42 -14.77 -15.06
CA VAL A 172 -8.15 -14.42 -15.69
C VAL A 172 -7.06 -14.43 -14.63
N CYS A 173 -7.35 -13.92 -13.44
CA CYS A 173 -6.39 -13.92 -12.35
C CYS A 173 -5.96 -15.37 -12.07
N LYS A 174 -6.94 -16.23 -11.92
CA LYS A 174 -6.68 -17.64 -11.62
C LYS A 174 -5.90 -18.35 -12.71
N ASP A 175 -6.26 -18.12 -13.97
CA ASP A 175 -5.60 -18.78 -15.09
C ASP A 175 -4.19 -18.27 -15.39
N SER A 176 -3.77 -17.23 -14.68
CA SER A 176 -2.45 -16.65 -14.91
C SER A 176 -1.37 -17.22 -14.01
N THR A 177 -1.77 -18.07 -13.05
CA THR A 177 -0.82 -18.61 -12.10
C THR A 177 -1.17 -20.03 -11.66
N ARG A 178 -0.21 -20.71 -11.03
CA ARG A 178 -0.42 -22.05 -10.53
C ARG A 178 -0.76 -22.01 -9.04
N ILE A 179 -0.63 -20.83 -8.45
CA ILE A 179 -0.93 -20.63 -7.04
C ILE A 179 -2.44 -20.62 -6.82
N ARG A 180 -2.88 -21.17 -5.70
CA ARG A 180 -4.30 -21.21 -5.37
C ARG A 180 -4.78 -19.83 -4.93
N ILE A 181 -5.68 -19.24 -5.71
CA ILE A 181 -6.21 -17.91 -5.39
C ILE A 181 -7.44 -18.04 -4.51
N THR A 182 -7.56 -17.17 -3.51
CA THR A 182 -8.71 -17.20 -2.60
C THR A 182 -9.54 -15.93 -2.73
N ASP A 183 -10.71 -15.93 -2.10
CA ASP A 183 -11.59 -14.78 -2.15
C ASP A 183 -11.00 -13.59 -1.39
N ASN A 184 -9.94 -13.82 -0.62
CA ASN A 184 -9.32 -12.74 0.13
C ASN A 184 -8.23 -12.04 -0.69
N MET A 185 -8.20 -12.34 -1.98
CA MET A 185 -7.24 -11.75 -2.90
C MET A 185 -7.96 -11.29 -4.16
N PHE A 186 -7.38 -10.30 -4.84
CA PHE A 186 -7.89 -9.87 -6.13
C PHE A 186 -6.64 -9.48 -6.91
N CYS A 187 -6.70 -9.48 -8.23
CA CYS A 187 -5.51 -9.11 -8.99
C CYS A 187 -5.79 -7.93 -9.91
N ALA A 188 -4.73 -7.23 -10.29
CA ALA A 188 -4.84 -6.06 -11.14
C ALA A 188 -3.65 -5.93 -12.06
N GLY A 189 -3.86 -5.21 -13.15
CA GLY A 189 -2.80 -5.00 -14.13
C GLY A 189 -3.39 -5.09 -15.53
N TYR A 190 -2.62 -4.64 -16.50
CA TYR A 190 -3.05 -4.65 -17.89
C TYR A 190 -2.79 -6.01 -18.52
N LYS A 191 -3.63 -6.36 -19.49
CA LYS A 191 -3.48 -7.62 -20.21
C LYS A 191 -2.53 -7.32 -21.37
N PRO A 192 -1.86 -8.36 -21.91
CA PRO A 192 -0.94 -8.18 -23.03
C PRO A 192 -1.51 -7.36 -24.19
N ASP A 193 -2.76 -7.63 -24.56
CA ASP A 193 -3.37 -6.93 -25.68
C ASP A 193 -3.84 -5.50 -25.36
N GLU A 194 -3.71 -5.07 -24.12
CA GLU A 194 -4.13 -3.73 -23.74
C GLU A 194 -3.04 -2.69 -23.96
N GLY A 195 -1.83 -3.15 -24.26
CA GLY A 195 -0.73 -2.24 -24.51
C GLY A 195 -0.07 -1.63 -23.28
N LYS A 196 -0.83 -0.82 -22.55
CA LYS A 196 -0.32 -0.17 -21.35
C LYS A 196 0.30 -1.17 -20.40
N ARG A 197 1.25 -0.71 -19.59
CA ARG A 197 1.93 -1.59 -18.63
C ARG A 197 1.91 -0.99 -17.23
N GLY A 198 2.57 -1.67 -16.30
CA GLY A 198 2.63 -1.19 -14.94
C GLY A 198 2.41 -2.30 -13.93
N ASP A 199 3.09 -2.21 -12.79
CA ASP A 199 2.97 -3.22 -11.75
C ASP A 199 3.76 -2.78 -10.53
N ALA A 200 3.51 -3.45 -9.41
CA ALA A 200 4.25 -3.17 -8.19
C ALA A 200 5.50 -4.04 -8.35
N CYS A 201 6.52 -3.81 -7.52
CA CYS A 201 7.74 -4.60 -7.59
C CYS A 201 8.33 -4.74 -6.19
N GLU A 202 9.54 -5.28 -6.10
CA GLU A 202 10.20 -5.48 -4.81
C GLU A 202 10.32 -4.18 -4.02
N GLY A 203 9.76 -4.18 -2.81
CA GLY A 203 9.81 -3.01 -1.96
C GLY A 203 8.46 -2.31 -1.86
N ASP A 204 7.56 -2.62 -2.79
CA ASP A 204 6.22 -2.01 -2.79
C ASP A 204 5.23 -2.78 -1.93
N SER A 205 5.54 -4.04 -1.64
CA SER A 205 4.65 -4.88 -0.84
C SER A 205 4.24 -4.19 0.44
N GLY A 206 2.99 -4.43 0.84
CA GLY A 206 2.46 -3.82 2.05
C GLY A 206 1.81 -2.47 1.82
N GLY A 207 2.12 -1.87 0.67
CA GLY A 207 1.56 -0.58 0.31
C GLY A 207 0.10 -0.65 -0.08
N PRO A 208 -0.52 0.50 -0.29
CA PRO A 208 -1.94 0.56 -0.65
C PRO A 208 -2.32 0.57 -2.13
N PHE A 209 -3.49 -0.01 -2.39
CA PHE A 209 -4.13 -0.01 -3.71
C PHE A 209 -5.38 0.77 -3.34
N VAL A 210 -5.47 2.00 -3.84
CA VAL A 210 -6.58 2.88 -3.51
C VAL A 210 -7.46 3.25 -4.70
N MET A 211 -8.68 3.65 -4.41
CA MET A 211 -9.63 4.06 -5.43
C MET A 211 -10.35 5.29 -4.91
N LYS A 212 -10.63 6.24 -5.81
CA LYS A 212 -11.33 7.46 -5.41
C LYS A 212 -12.82 7.28 -5.71
N SER A 213 -13.63 7.22 -4.66
CA SER A 213 -15.06 7.05 -4.85
C SER A 213 -15.68 8.20 -5.63
N PRO A 214 -16.43 7.88 -6.70
CA PRO A 214 -17.07 8.95 -7.49
C PRO A 214 -18.35 9.41 -6.81
N PHE A 215 -18.72 8.74 -5.72
CA PHE A 215 -19.92 9.07 -4.96
C PHE A 215 -19.68 10.17 -3.94
N ASN A 216 -18.55 10.10 -3.23
CA ASN A 216 -18.26 11.11 -2.22
C ASN A 216 -16.88 11.73 -2.35
N ASN A 217 -16.19 11.42 -3.44
CA ASN A 217 -14.86 11.96 -3.73
C ASN A 217 -13.80 11.73 -2.67
N ARG A 218 -13.89 10.61 -1.96
CA ARG A 218 -12.92 10.25 -0.93
C ARG A 218 -12.12 9.04 -1.41
N TRP A 219 -10.86 8.97 -0.97
CA TRP A 219 -10.01 7.85 -1.32
C TRP A 219 -10.17 6.71 -0.33
N TYR A 220 -10.33 5.51 -0.88
CA TYR A 220 -10.51 4.29 -0.10
C TYR A 220 -9.43 3.27 -0.43
N GLN A 221 -8.92 2.61 0.60
CA GLN A 221 -7.91 1.58 0.36
C GLN A 221 -8.64 0.25 0.17
N MET A 222 -8.68 -0.23 -1.07
CA MET A 222 -9.35 -1.47 -1.38
C MET A 222 -8.44 -2.67 -1.29
N GLY A 223 -7.13 -2.45 -1.44
CA GLY A 223 -6.22 -3.58 -1.38
C GLY A 223 -4.88 -3.24 -0.76
N ILE A 224 -4.10 -4.29 -0.52
CA ILE A 224 -2.75 -4.16 0.02
C ILE A 224 -1.87 -4.93 -0.95
N VAL A 225 -0.78 -4.32 -1.40
CA VAL A 225 0.13 -4.98 -2.33
C VAL A 225 0.60 -6.26 -1.63
N SER A 226 0.24 -7.42 -2.18
CA SER A 226 0.56 -8.68 -1.55
C SER A 226 1.64 -9.54 -2.19
N TRP A 227 1.41 -9.99 -3.42
CA TRP A 227 2.41 -10.82 -4.08
C TRP A 227 2.29 -10.83 -5.59
N GLY A 228 3.35 -11.28 -6.25
CA GLY A 228 3.36 -11.37 -7.70
C GLY A 228 4.51 -12.25 -8.11
N GLU A 229 4.49 -12.74 -9.34
CA GLU A 229 5.56 -13.58 -9.84
C GLU A 229 6.29 -12.71 -10.87
N GLY A 230 7.38 -12.10 -10.41
CA GLY A 230 8.13 -11.21 -11.27
C GLY A 230 7.43 -9.86 -11.20
N CYS A 231 7.82 -8.94 -12.08
CA CYS A 231 7.20 -7.62 -12.09
C CYS A 231 6.90 -7.16 -13.52
N ASP A 232 5.67 -6.77 -13.74
CA ASP A 232 5.23 -6.28 -15.05
C ASP A 232 5.50 -7.28 -16.17
N ARG A 233 5.32 -8.56 -15.89
CA ARG A 233 5.53 -9.58 -16.92
C ARG A 233 4.24 -9.73 -17.70
N ASP A 234 4.35 -9.95 -19.00
CA ASP A 234 3.17 -10.15 -19.83
C ASP A 234 2.43 -11.41 -19.40
N GLY A 235 1.11 -11.30 -19.23
CA GLY A 235 0.31 -12.45 -18.84
C GLY A 235 0.27 -12.70 -17.35
N LYS A 236 0.99 -11.88 -16.58
CA LYS A 236 1.04 -12.00 -15.13
C LYS A 236 0.34 -10.78 -14.53
N TYR A 237 -0.14 -10.92 -13.30
CA TYR A 237 -0.84 -9.83 -12.63
C TYR A 237 -0.45 -9.76 -11.17
N GLY A 238 -0.48 -8.55 -10.62
CA GLY A 238 -0.16 -8.39 -9.21
C GLY A 238 -1.37 -8.78 -8.38
N PHE A 239 -1.12 -9.38 -7.22
CA PHE A 239 -2.18 -9.80 -6.32
C PHE A 239 -2.21 -8.94 -5.08
N TYR A 240 -3.43 -8.61 -4.68
CA TYR A 240 -3.66 -7.71 -3.56
C TYR A 240 -4.61 -8.29 -2.52
N THR A 241 -4.32 -7.99 -1.26
CA THR A 241 -5.18 -8.43 -0.17
C THR A 241 -6.48 -7.66 -0.28
N HIS A 242 -7.59 -8.39 -0.21
CA HIS A 242 -8.94 -7.81 -0.30
C HIS A 242 -9.27 -7.19 1.07
N VAL A 243 -9.04 -5.90 1.21
CA VAL A 243 -9.25 -5.22 2.46
C VAL A 243 -10.67 -5.33 3.04
N PHE A 244 -11.70 -5.11 2.23
CA PHE A 244 -13.03 -5.21 2.78
C PHE A 244 -13.34 -6.58 3.36
N ARG A 245 -12.90 -7.64 2.69
CA ARG A 245 -13.17 -8.99 3.17
C ARG A 245 -12.57 -9.28 4.54
N LEU A 246 -11.56 -8.51 4.92
CA LEU A 246 -10.89 -8.71 6.20
C LEU A 246 -11.13 -7.53 7.16
N LYS A 247 -12.08 -6.68 6.83
CA LYS A 247 -12.37 -5.52 7.66
C LYS A 247 -12.91 -5.85 9.06
N LYS A 248 -13.62 -6.97 9.18
CA LYS A 248 -14.14 -7.34 10.49
C LYS A 248 -12.98 -7.59 11.45
N TRP A 249 -11.92 -8.21 10.93
CA TRP A 249 -10.73 -8.47 11.74
C TRP A 249 -10.08 -7.15 12.13
N ILE A 250 -9.97 -6.23 11.17
CA ILE A 250 -9.38 -4.93 11.43
C ILE A 250 -10.14 -4.23 12.54
N GLN A 251 -11.46 -4.21 12.42
CA GLN A 251 -12.32 -3.56 13.41
C GLN A 251 -12.19 -4.21 14.78
N LYS A 252 -12.12 -5.53 14.81
CA LYS A 252 -12.00 -6.27 16.07
C LYS A 252 -10.71 -5.88 16.80
N VAL A 253 -9.60 -5.84 16.06
CA VAL A 253 -8.32 -5.49 16.67
C VAL A 253 -8.33 -4.07 17.23
N ILE A 254 -8.77 -3.11 16.42
CA ILE A 254 -8.81 -1.73 16.84
C ILE A 254 -9.76 -1.51 18.01
N ASP A 255 -10.91 -2.20 18.00
CA ASP A 255 -11.88 -2.06 19.09
C ASP A 255 -11.34 -2.61 20.40
N GLN A 256 -10.65 -3.73 20.34
CA GLN A 256 -10.09 -4.37 21.53
C GLN A 256 -8.80 -3.73 22.03
N PHE A 257 -7.99 -3.23 21.11
CA PHE A 257 -6.71 -2.64 21.48
C PHE A 257 -6.64 -1.13 21.20
N GLY A 258 -7.51 -0.63 20.46
N GLY B 1 24.61 2.43 3.42
CA GLY B 1 24.88 3.88 3.23
C GLY B 1 23.98 4.50 2.19
N ASP B 2 23.02 3.71 1.69
CA ASP B 2 22.09 4.18 0.68
C ASP B 2 21.13 5.25 1.22
N PHE B 3 20.67 5.07 2.45
CA PHE B 3 19.75 6.03 3.06
C PHE B 3 20.47 7.03 3.95
N GLU B 4 19.98 8.26 3.95
CA GLU B 4 20.56 9.30 4.79
C GLU B 4 20.29 8.98 6.25
N GLU B 5 21.30 9.23 7.10
CA GLU B 5 21.16 8.96 8.52
C GLU B 5 19.98 9.69 9.12
N ILE B 6 19.30 9.01 10.04
CA ILE B 6 18.13 9.56 10.73
C ILE B 6 18.56 10.02 12.12
N PRO B 7 18.00 11.13 12.62
CA PRO B 7 18.37 11.60 13.95
C PRO B 7 18.18 10.55 15.05
N GLU B 8 19.05 10.58 16.05
CA GLU B 8 19.01 9.63 17.14
C GLU B 8 18.22 10.14 18.35
N GLU B 9 16.91 10.28 18.18
CA GLU B 9 16.04 10.76 19.25
C GLU B 9 14.95 9.75 19.58
N TYS B 10 15.32 8.55 17.13
CA TYS B 10 14.32 7.57 16.76
CB TYS B 10 13.81 7.84 15.34
CG TYS B 10 13.27 9.24 15.14
CD1 TYS B 10 12.11 9.66 15.79
CD2 TYS B 10 13.90 10.14 14.29
CE1 TYS B 10 11.59 10.95 15.60
CE2 TYS B 10 13.41 11.42 14.08
CZ TYS B 10 12.25 11.81 14.73
OH TYS B 10 11.75 13.09 14.49
S TYS B 10 10.79 13.27 13.31
O1 TYS B 10 11.32 12.91 11.98
O2 TYS B 10 9.53 12.54 13.67
O3 TYS B 10 10.52 14.75 13.42
C TYS B 10 14.90 6.16 16.83
O TYS B 10 14.18 5.17 16.70
N LEU B 11 17.55 7.00 16.47
CA LEU B 11 18.02 5.62 16.37
C LEU B 11 19.12 5.41 17.41
N ALA C 7 -14.58 10.09 9.09
CA ALA C 7 -14.46 11.54 9.45
C ALA C 7 -13.96 12.35 8.26
N ASP C 8 -12.68 12.71 8.29
CA ASP C 8 -12.08 13.49 7.22
C ASP C 8 -11.12 12.60 6.42
N CYS C 9 -11.23 11.30 6.63
CA CYS C 9 -10.37 10.35 5.94
C CYS C 9 -10.54 10.43 4.43
N GLY C 10 -9.45 10.13 3.71
CA GLY C 10 -9.50 10.11 2.27
C GLY C 10 -9.62 11.42 1.53
N LEU C 11 -9.55 12.54 2.24
CA LEU C 11 -9.61 13.87 1.62
C LEU C 11 -8.22 14.48 1.82
N ARG C 12 -7.48 14.61 0.74
CA ARG C 12 -6.11 15.11 0.81
C ARG C 12 -6.00 16.62 0.99
N PRO C 13 -5.21 17.07 1.97
CA PRO C 13 -5.03 18.50 2.22
C PRO C 13 -4.63 19.31 0.98
N LEU C 14 -3.74 18.75 0.17
CA LEU C 14 -3.27 19.46 -1.02
C LEU C 14 -4.07 19.23 -2.28
N PHE C 15 -5.13 18.43 -2.18
CA PHE C 15 -5.97 18.17 -3.34
C PHE C 15 -7.45 18.37 -3.05
N GLU C 16 -8.16 17.33 -2.61
CA GLU C 16 -9.59 17.49 -2.33
C GLU C 16 -9.92 18.67 -1.43
N LYS C 17 -9.17 18.85 -0.35
CA LYS C 17 -9.44 19.94 0.59
C LYS C 17 -9.39 21.33 -0.06
N LYS C 18 -8.58 21.48 -1.11
CA LYS C 18 -8.44 22.76 -1.80
C LYS C 18 -9.05 22.71 -3.19
N SER C 19 -9.78 21.65 -3.48
CA SER C 19 -10.41 21.44 -4.77
C SER C 19 -9.42 21.47 -5.94
N LEU C 20 -8.29 20.79 -5.75
CA LEU C 20 -7.28 20.67 -6.79
C LEU C 20 -7.22 19.18 -7.14
N GLU C 21 -7.07 18.87 -8.41
CA GLU C 21 -7.00 17.47 -8.84
C GLU C 21 -5.57 17.09 -9.20
N ASP C 22 -5.19 15.85 -8.92
CA ASP C 22 -3.84 15.43 -9.27
C ASP C 22 -3.80 15.09 -10.76
N LYS C 23 -2.60 14.84 -11.27
CA LYS C 23 -2.40 14.57 -12.70
C LYS C 23 -3.06 13.35 -13.34
N THR C 24 -3.41 12.34 -12.55
CA THR C 24 -4.01 11.16 -13.17
C THR C 24 -5.28 10.62 -12.54
N GLU C 25 -5.87 11.32 -11.57
CA GLU C 25 -7.08 10.79 -10.96
C GLU C 25 -8.22 10.69 -11.96
N ARG C 26 -8.18 11.50 -13.02
CA ARG C 26 -9.21 11.49 -14.06
C ARG C 26 -9.27 10.10 -14.70
N GLU C 27 -8.11 9.47 -14.85
CA GLU C 27 -8.02 8.14 -15.44
C GLU C 27 -8.85 7.15 -14.63
N LEU C 28 -8.82 7.30 -13.31
CA LEU C 28 -9.59 6.42 -12.45
C LEU C 28 -11.08 6.68 -12.66
N LEU C 29 -11.47 7.95 -12.60
CA LEU C 29 -12.88 8.27 -12.79
C LEU C 29 -13.43 7.75 -14.11
N GLU C 30 -12.67 7.92 -15.19
CA GLU C 30 -13.12 7.47 -16.50
C GLU C 30 -13.30 5.95 -16.59
N SER C 31 -12.65 5.21 -15.69
CA SER C 31 -12.76 3.75 -15.71
C SER C 31 -13.97 3.29 -14.91
N TYR C 32 -14.55 4.17 -14.09
CA TYR C 32 -15.71 3.80 -13.29
C TYR C 32 -16.95 4.04 -14.14
N ILE C 33 -17.18 3.16 -15.10
CA ILE C 33 -18.31 3.27 -16.01
C ILE C 33 -19.60 2.71 -15.41
N ASP C 34 -19.59 1.56 -14.93
C1 2CE D . 3.16 -7.54 -6.26
C2 2CE D . 3.80 -7.72 -5.02
C3 2CE D . 5.19 -7.94 -4.95
C4 2CE D . 5.95 -7.98 -6.13
C5 2CE D . 5.30 -7.80 -7.38
C6 2CE D . 3.92 -7.57 -7.45
CL7 2CE D . 1.46 -7.26 -6.33
S8 2CE D . 7.68 -8.26 -6.01
C9 2CE D . 8.36 -9.32 -7.32
C10 2CE D . 8.40 -10.78 -6.88
O11 2CE D . 8.86 -11.58 -7.66
N12 2CE D . 7.93 -11.23 -5.65
C13 2CE D . 7.95 -12.68 -5.26
C14 2CE D . 9.06 -12.91 -4.21
C15 2CE D . 10.51 -12.65 -4.63
C16 2CE D . 11.23 -11.59 -4.03
C17 2CE D . 12.58 -11.33 -4.40
C18 2CE D . 13.23 -12.15 -5.38
C19 2CE D . 12.50 -13.20 -5.96
C20 2CE D . 11.15 -13.46 -5.59
N21 2CE D . 14.60 -11.94 -5.82
C22 2CE D . 15.54 -10.97 -5.39
N23 2CE D . 15.24 -10.07 -4.49
N24 2CE D . 16.81 -10.98 -5.95
C25 2CE D . 6.59 -13.01 -4.69
O26 2CE D . 5.78 -12.13 -4.52
N27 2CE D . 6.24 -14.32 -4.41
C28 2CE D . 4.91 -14.72 -3.94
C29 2CE D . 4.93 -16.00 -3.09
O30 2CE D . 6.09 -16.09 -2.27
C31 2CE D . 6.28 -14.94 -1.44
C32 2CE D . 7.58 -15.01 -0.63
O33 2CE D . 7.30 -15.15 0.76
C34 2CE D . 7.62 -13.97 1.49
C35 2CE D . 7.33 -12.73 0.65
O36 2CE D . 6.62 -12.83 -0.33
N37 2CE D . 7.89 -11.51 0.99
#